data_5C3L
#
_entry.id   5C3L
#
_cell.length_a   167.570
_cell.length_b   167.570
_cell.length_c   142.720
_cell.angle_alpha   90.00
_cell.angle_beta   90.00
_cell.angle_gamma   120.00
#
_symmetry.space_group_name_H-M   'P 65 2 2'
#
loop_
_entity.id
_entity.type
_entity.pdbx_description
1 polymer Nup54
2 polymer 'Nucleoporin Nup58'
3 polymer 'Nucleoporin Nup62'
4 polymer 'Nanobody Nb15'
5 polymer 'Part of Nup54 N-terminus with weak electron density, built as poly-alanine.'
#
loop_
_entity_poly.entity_id
_entity_poly.type
_entity_poly.pdbx_seq_one_letter_code
_entity_poly.pdbx_strand_id
1 'polypeptide(L)'
;GSMGTINTASALSAPTLLGDERDAILAKWNQLQAFWGTGKGFFMNNTPPVEFTQENPFCRFKAVGFSYIPNNKDEDGLIS
LIFNKKESDIRGQQQQLVESLHKVLGGHQTLTVNVEGVKTKADNQTEVIIYVVERSPNGTSRRVGASALFSYFEQAHIKA
NMQQLGVTGAMAQTELSPVQIKQLIQNPLSGVDPIIWEQAKVDNPDPERLIPVPMIGFKELLRRLEVQDQMTKQHQSRLD
IISEDIGELQKNQTTTMAKIGQYKRKLMELSHRVLQVLIKQEIQRKSGFAIQAEEEQLRVQLDTIQSELNAPTQFKGRLN
ELMSQIRMQNHFG
;
A
2 'polypeptide(L)'
;AGTRPEDSKALKDENLPQLLCQDVENFQKFVKEQKQVQEEISRMSSKAMLKVQEDIKALKQLLSVASSGLQRNALAIDKL
KIETAEELKNAEIALRTQKTPPGLQHENTAPADYFHTLVQQFEVQLQQYRQQIEELENHLAT
;
B
3 'polypeptide(L)'
;AGTAAATGISTATAMTYAQLENLINKWSLELEDQEKHFLQQATQVNAWDRTLMQNGERITTLHREMEKVKLDQKRLDQEL
DFILSQQKELEDLLTPLEESVKEQSGTIYLQHADEEREKTYKLAENIDAQLKRMAQDLKEVIEHLNTSAG
;
C
4 'polypeptide(L)'
;AGTASQVQLQESGGGLVQPGGSLRLSCAASGFTFSNYAMSWVRQAPGKGLEVVSDIGSGGDRITYADSVKGRFTISRDNA
KNTLYLQMNSLKPEDTAVYYCANQYGRGPGTQVTVSSGS
;
D
5 'polypeptide(L)' (UNK)(UNK)(UNK)(UNK)(UNK)(UNK)(UNK)(UNK)(UNK)(UNK)(UNK)(UNK)(UNK)(UNK) H
#
# COMPACT_ATOMS: atom_id res chain seq x y z
N SER A 177 29.50 0.23 -28.78
CA SER A 177 30.78 0.62 -29.36
C SER A 177 31.01 2.13 -29.28
N PRO A 178 32.27 2.61 -29.41
CA PRO A 178 32.55 4.05 -29.28
C PRO A 178 33.07 4.72 -30.55
N VAL A 179 34.39 4.67 -30.75
CA VAL A 179 35.02 5.21 -31.95
C VAL A 179 34.79 4.23 -33.08
N GLN A 180 34.86 2.95 -32.74
CA GLN A 180 34.83 1.86 -33.71
C GLN A 180 33.70 1.99 -34.72
N ILE A 181 32.59 2.59 -34.30
CA ILE A 181 31.51 2.92 -35.23
C ILE A 181 32.10 3.72 -36.38
N LYS A 182 32.56 4.92 -36.06
CA LYS A 182 33.19 5.83 -37.02
C LYS A 182 34.24 5.09 -37.86
N GLN A 183 34.87 4.08 -37.27
CA GLN A 183 35.93 3.32 -37.92
C GLN A 183 35.41 2.26 -38.89
N LEU A 184 34.10 2.16 -39.05
CA LEU A 184 33.54 1.14 -39.95
C LEU A 184 32.21 1.54 -40.62
N ILE A 185 31.71 2.74 -40.35
CA ILE A 185 30.65 3.34 -41.17
C ILE A 185 31.31 4.27 -42.17
N GLN A 186 32.54 3.93 -42.53
CA GLN A 186 33.29 4.65 -43.52
C GLN A 186 34.54 3.82 -43.86
N ASN A 187 34.89 3.68 -45.14
CA ASN A 187 34.14 4.22 -46.27
C ASN A 187 32.92 3.33 -46.53
N PRO A 188 32.32 3.38 -47.74
CA PRO A 188 31.23 2.43 -47.99
C PRO A 188 31.62 0.96 -47.88
N LEU A 189 30.64 0.08 -48.02
CA LEU A 189 30.82 -1.34 -47.75
C LEU A 189 30.86 -2.19 -49.03
N SER A 190 29.72 -2.71 -49.46
CA SER A 190 29.69 -3.81 -50.42
C SER A 190 29.35 -3.39 -51.85
N GLY A 191 29.90 -2.25 -52.26
CA GLY A 191 29.68 -1.74 -53.60
C GLY A 191 28.63 -0.66 -53.60
N VAL A 192 28.38 -0.09 -52.42
CA VAL A 192 27.40 0.99 -52.28
C VAL A 192 28.03 2.28 -52.77
N ASP A 193 27.25 3.12 -53.41
CA ASP A 193 27.77 4.39 -53.91
C ASP A 193 28.19 5.24 -52.70
N PRO A 194 29.42 5.78 -52.73
CA PRO A 194 29.85 6.67 -51.63
C PRO A 194 28.91 7.83 -51.37
N ILE A 195 28.06 8.18 -52.34
CA ILE A 195 27.16 9.32 -52.18
C ILE A 195 25.84 8.94 -51.51
N ILE A 196 25.32 7.77 -51.88
CA ILE A 196 24.07 7.29 -51.30
C ILE A 196 24.31 6.81 -49.89
N TRP A 197 25.49 6.23 -49.69
CA TRP A 197 25.92 5.74 -48.40
C TRP A 197 26.08 6.89 -47.40
N GLU A 198 26.52 8.04 -47.90
CA GLU A 198 26.68 9.23 -47.06
C GLU A 198 25.32 9.84 -46.76
N GLN A 199 24.35 9.58 -47.63
CA GLN A 199 23.01 10.12 -47.48
C GLN A 199 22.24 9.36 -46.40
N ALA A 200 22.61 8.10 -46.19
CA ALA A 200 22.00 7.27 -45.16
C ALA A 200 22.48 7.67 -43.76
N LYS A 201 23.71 8.15 -43.69
CA LYS A 201 24.29 8.54 -42.41
C LYS A 201 23.57 9.74 -41.82
N VAL A 202 23.18 10.68 -42.67
CA VAL A 202 22.54 11.90 -42.19
C VAL A 202 21.04 11.67 -42.07
N ASP A 203 20.50 10.81 -42.93
CA ASP A 203 19.08 10.45 -42.86
C ASP A 203 18.85 9.39 -41.77
N ASN A 204 19.89 9.11 -40.99
CA ASN A 204 19.78 8.15 -39.89
C ASN A 204 18.84 8.67 -38.78
N PRO A 205 17.79 7.90 -38.45
CA PRO A 205 16.75 8.37 -37.52
C PRO A 205 17.16 8.33 -36.05
N ASP A 206 18.03 7.38 -35.69
CA ASP A 206 18.51 7.26 -34.32
C ASP A 206 19.97 6.78 -34.30
N PRO A 207 20.91 7.69 -34.58
CA PRO A 207 22.35 7.37 -34.61
C PRO A 207 22.93 7.02 -33.24
N GLU A 208 22.11 7.16 -32.20
CA GLU A 208 22.51 6.82 -30.84
C GLU A 208 22.50 5.31 -30.63
N ARG A 209 21.61 4.63 -31.36
CA ARG A 209 21.38 3.20 -31.18
C ARG A 209 21.40 2.44 -32.51
N LEU A 210 21.86 3.11 -33.57
CA LEU A 210 21.84 2.50 -34.90
C LEU A 210 22.92 3.00 -35.84
N ILE A 211 23.25 2.13 -36.79
CA ILE A 211 24.22 2.41 -37.82
C ILE A 211 23.63 2.06 -39.18
N PRO A 212 24.10 2.72 -40.25
CA PRO A 212 23.70 2.32 -41.60
C PRO A 212 24.34 1.00 -41.98
N VAL A 213 23.53 0.04 -42.40
CA VAL A 213 24.01 -1.25 -42.86
C VAL A 213 23.49 -1.49 -44.28
N PRO A 214 24.37 -1.81 -45.22
CA PRO A 214 23.89 -2.03 -46.59
C PRO A 214 23.02 -3.29 -46.71
N MET A 215 21.87 -3.17 -47.37
CA MET A 215 21.09 -4.34 -47.75
C MET A 215 21.01 -4.35 -49.27
N ILE A 216 21.63 -5.37 -49.87
CA ILE A 216 21.66 -5.50 -51.33
C ILE A 216 20.76 -6.68 -51.73
N GLY A 217 19.90 -6.46 -52.73
CA GLY A 217 19.09 -7.51 -53.29
C GLY A 217 17.74 -7.69 -52.62
N PHE A 218 16.75 -8.12 -53.41
CA PHE A 218 15.42 -8.44 -52.91
C PHE A 218 15.46 -9.50 -51.79
N LYS A 219 16.57 -10.21 -51.65
CA LYS A 219 16.69 -11.25 -50.63
C LYS A 219 16.86 -10.67 -49.23
N GLU A 220 17.82 -9.77 -49.05
CA GLU A 220 17.96 -9.11 -47.75
C GLU A 220 16.68 -8.35 -47.43
N LEU A 221 15.99 -7.90 -48.46
CA LEU A 221 14.76 -7.13 -48.30
C LEU A 221 13.66 -8.01 -47.70
N LEU A 222 13.68 -9.29 -48.08
CA LEU A 222 12.69 -10.24 -47.59
C LEU A 222 13.15 -10.77 -46.24
N ARG A 223 14.46 -10.88 -46.08
CA ARG A 223 15.02 -11.38 -44.82
C ARG A 223 14.61 -10.42 -43.71
N ARG A 224 14.73 -9.12 -43.99
CA ARG A 224 14.33 -8.09 -43.05
C ARG A 224 12.82 -8.11 -42.79
N LEU A 225 12.06 -8.38 -43.84
CA LEU A 225 10.61 -8.42 -43.74
C LEU A 225 10.20 -9.54 -42.80
N GLU A 226 10.89 -10.67 -42.90
CA GLU A 226 10.54 -11.86 -42.12
C GLU A 226 10.99 -11.71 -40.68
N VAL A 227 12.06 -10.95 -40.47
CA VAL A 227 12.51 -10.64 -39.12
C VAL A 227 11.43 -9.80 -38.43
N GLN A 228 10.90 -8.81 -39.15
CA GLN A 228 9.84 -7.96 -38.63
C GLN A 228 8.67 -8.78 -38.14
N ASP A 229 8.32 -9.79 -38.90
CA ASP A 229 7.15 -10.58 -38.60
C ASP A 229 7.40 -11.43 -37.37
N GLN A 230 8.60 -11.98 -37.27
CA GLN A 230 8.99 -12.81 -36.13
C GLN A 230 8.92 -12.01 -34.83
N MET A 231 9.46 -10.79 -34.87
CA MET A 231 9.52 -9.93 -33.71
C MET A 231 8.14 -9.37 -33.35
N THR A 232 7.38 -8.97 -34.36
CA THR A 232 6.01 -8.55 -34.14
C THR A 232 5.21 -9.70 -33.54
N LYS A 233 5.56 -10.91 -33.94
CA LYS A 233 4.97 -12.10 -33.35
C LYS A 233 5.30 -12.18 -31.86
N GLN A 234 6.53 -11.83 -31.51
CA GLN A 234 6.96 -11.81 -30.12
C GLN A 234 6.38 -10.61 -29.40
N HIS A 235 6.33 -9.48 -30.09
CA HIS A 235 5.76 -8.26 -29.53
C HIS A 235 4.33 -8.49 -29.06
N GLN A 236 3.50 -9.00 -29.97
CA GLN A 236 2.10 -9.27 -29.68
C GLN A 236 1.93 -10.21 -28.48
N SER A 237 2.88 -11.13 -28.32
CA SER A 237 2.79 -12.13 -27.26
C SER A 237 2.99 -11.51 -25.88
N ARG A 238 3.93 -10.57 -25.76
CA ARG A 238 4.13 -9.79 -24.54
C ARG A 238 2.87 -9.01 -24.17
N LEU A 239 2.31 -8.31 -25.15
CA LEU A 239 1.12 -7.49 -24.95
C LEU A 239 -0.07 -8.28 -24.41
N ASP A 240 -0.15 -9.55 -24.81
CA ASP A 240 -1.22 -10.41 -24.32
C ASP A 240 -0.99 -10.74 -22.86
N ILE A 241 0.26 -11.05 -22.50
CA ILE A 241 0.63 -11.26 -21.12
C ILE A 241 0.34 -9.99 -20.31
N ILE A 242 0.90 -8.87 -20.76
CA ILE A 242 0.73 -7.60 -20.08
C ILE A 242 -0.74 -7.27 -19.93
N SER A 243 -1.51 -7.49 -20.99
CA SER A 243 -2.94 -7.28 -20.93
C SER A 243 -3.51 -8.08 -19.75
N GLU A 244 -3.04 -9.32 -19.62
CA GLU A 244 -3.45 -10.23 -18.55
C GLU A 244 -3.20 -9.60 -17.18
N ASP A 245 -2.04 -8.99 -17.02
CA ASP A 245 -1.63 -8.42 -15.74
C ASP A 245 -2.34 -7.09 -15.42
N ILE A 246 -3.06 -6.53 -16.40
CA ILE A 246 -3.86 -5.34 -16.18
C ILE A 246 -5.20 -5.71 -15.59
N GLY A 247 -5.87 -6.68 -16.20
CA GLY A 247 -7.11 -7.18 -15.65
C GLY A 247 -6.94 -7.57 -14.20
N GLU A 248 -5.83 -8.25 -13.90
CA GLU A 248 -5.50 -8.62 -12.52
C GLU A 248 -5.36 -7.36 -11.68
N LEU A 249 -4.63 -6.38 -12.20
CA LEU A 249 -4.44 -5.12 -11.50
C LEU A 249 -5.74 -4.42 -11.23
N GLN A 250 -6.55 -4.31 -12.28
CA GLN A 250 -7.82 -3.62 -12.19
C GLN A 250 -8.70 -4.26 -11.15
N LYS A 251 -8.68 -5.58 -11.11
CA LYS A 251 -9.52 -6.31 -10.18
C LYS A 251 -8.89 -6.19 -8.79
N ASN A 252 -7.57 -6.29 -8.71
CA ASN A 252 -6.85 -6.04 -7.47
C ASN A 252 -7.19 -4.67 -6.95
N GLN A 253 -7.30 -3.71 -7.85
CA GLN A 253 -7.60 -2.33 -7.48
C GLN A 253 -8.98 -2.24 -6.83
N THR A 254 -9.97 -2.91 -7.43
CA THR A 254 -11.36 -2.83 -6.96
C THR A 254 -11.52 -3.47 -5.59
N THR A 255 -10.83 -4.59 -5.40
CA THR A 255 -10.74 -5.24 -4.09
C THR A 255 -10.15 -4.26 -3.06
N THR A 256 -9.06 -3.61 -3.43
CA THR A 256 -8.35 -2.71 -2.53
C THR A 256 -9.26 -1.57 -2.10
N MET A 257 -10.01 -1.02 -3.04
CA MET A 257 -10.95 0.05 -2.73
C MET A 257 -12.03 -0.44 -1.77
N ALA A 258 -12.36 -1.73 -1.88
CA ALA A 258 -13.45 -2.32 -1.09
C ALA A 258 -13.02 -2.48 0.34
N LYS A 259 -11.82 -3.01 0.53
CA LYS A 259 -11.25 -3.21 1.85
C LYS A 259 -11.04 -1.88 2.54
N ILE A 260 -10.69 -0.85 1.75
CA ILE A 260 -10.57 0.47 2.32
C ILE A 260 -11.91 0.91 2.90
N GLY A 261 -13.00 0.68 2.16
CA GLY A 261 -14.32 1.06 2.63
C GLY A 261 -14.75 0.37 3.91
N GLN A 262 -14.47 -0.93 4.01
CA GLN A 262 -14.73 -1.66 5.24
C GLN A 262 -13.93 -1.08 6.41
N TYR A 263 -12.61 -1.03 6.24
CA TYR A 263 -11.72 -0.73 7.35
C TYR A 263 -11.94 0.70 7.86
N LYS A 264 -12.37 1.61 6.99
CA LYS A 264 -12.74 2.95 7.46
C LYS A 264 -13.99 2.83 8.33
N ARG A 265 -14.87 1.92 7.93
CA ARG A 265 -16.13 1.73 8.61
C ARG A 265 -15.89 1.12 9.98
N LYS A 266 -15.10 0.06 10.01
CA LYS A 266 -14.74 -0.58 11.27
C LYS A 266 -14.06 0.42 12.20
N LEU A 267 -13.18 1.25 11.64
CA LEU A 267 -12.41 2.18 12.46
C LEU A 267 -13.35 3.18 13.11
N MET A 268 -14.31 3.64 12.30
CA MET A 268 -15.34 4.59 12.74
C MET A 268 -16.16 3.98 13.89
N GLU A 269 -16.40 2.68 13.79
CA GLU A 269 -17.11 1.92 14.80
C GLU A 269 -16.30 1.80 16.09
N LEU A 270 -15.08 1.29 15.93
CA LEU A 270 -14.20 1.05 17.05
C LEU A 270 -13.88 2.36 17.75
N SER A 271 -13.65 3.40 16.96
CA SER A 271 -13.30 4.70 17.53
C SER A 271 -14.41 5.15 18.47
N HIS A 272 -15.65 4.97 18.05
CA HIS A 272 -16.76 5.42 18.85
C HIS A 272 -16.95 4.52 20.06
N ARG A 273 -16.65 3.25 19.90
CA ARG A 273 -16.74 2.30 21.01
C ARG A 273 -15.71 2.63 22.10
N VAL A 274 -14.51 3.05 21.71
CA VAL A 274 -13.49 3.47 22.68
C VAL A 274 -13.95 4.72 23.45
N LEU A 275 -14.54 5.68 22.73
CA LEU A 275 -15.01 6.89 23.38
C LEU A 275 -16.11 6.56 24.39
N GLN A 276 -16.86 5.50 24.14
CA GLN A 276 -17.89 5.09 25.07
C GLN A 276 -17.27 4.48 26.33
N VAL A 277 -16.23 3.68 26.18
CA VAL A 277 -15.58 3.10 27.36
C VAL A 277 -14.89 4.17 28.20
N LEU A 278 -14.12 5.05 27.57
CA LEU A 278 -13.45 6.10 28.32
C LEU A 278 -14.50 6.90 29.11
N ILE A 279 -15.67 7.14 28.52
CA ILE A 279 -16.74 7.89 29.16
C ILE A 279 -17.28 7.16 30.40
N LYS A 280 -17.65 5.90 30.23
CA LYS A 280 -18.09 5.07 31.34
C LYS A 280 -17.03 5.03 32.48
N GLN A 281 -15.77 4.87 32.12
CA GLN A 281 -14.67 4.93 33.11
C GLN A 281 -14.65 6.27 33.83
N GLU A 282 -14.88 7.37 33.12
CA GLU A 282 -14.72 8.68 33.73
C GLU A 282 -15.81 8.86 34.76
N ILE A 283 -17.04 8.54 34.38
CA ILE A 283 -18.17 8.69 35.30
C ILE A 283 -17.99 7.83 36.54
N GLN A 284 -17.61 6.57 36.35
CA GLN A 284 -17.38 5.64 37.44
C GLN A 284 -16.27 6.12 38.40
N ARG A 285 -15.06 6.31 37.89
CA ARG A 285 -13.93 6.64 38.74
C ARG A 285 -14.04 8.02 39.39
N LYS A 286 -15.03 8.81 38.98
CA LYS A 286 -15.26 10.12 39.57
C LYS A 286 -16.56 10.15 40.38
N SER A 287 -17.06 8.96 40.76
CA SER A 287 -18.31 8.84 41.51
C SER A 287 -18.30 9.63 42.80
N GLY A 288 -19.28 10.51 42.94
CA GLY A 288 -19.48 11.25 44.17
C GLY A 288 -18.48 12.37 44.37
N PHE A 289 -18.02 12.94 43.26
CA PHE A 289 -17.13 14.09 43.31
C PHE A 289 -17.84 15.32 42.77
N ALA A 290 -17.48 16.48 43.31
CA ALA A 290 -18.01 17.76 42.85
C ALA A 290 -17.79 17.89 41.34
N ILE A 291 -18.72 18.56 40.67
CA ILE A 291 -18.74 18.61 39.21
C ILE A 291 -17.42 19.11 38.65
N GLN A 292 -16.69 19.90 39.43
CA GLN A 292 -15.31 20.25 39.09
C GLN A 292 -15.17 21.20 37.89
N ALA A 293 -14.20 22.10 37.96
CA ALA A 293 -14.11 23.24 37.05
C ALA A 293 -13.84 22.85 35.60
N GLU A 294 -12.77 22.11 35.36
CA GLU A 294 -12.38 21.76 34.00
C GLU A 294 -13.46 20.93 33.31
N GLU A 295 -14.32 20.29 34.11
CA GLU A 295 -15.40 19.48 33.57
C GLU A 295 -16.55 20.36 33.08
N GLU A 296 -16.75 21.50 33.74
CA GLU A 296 -17.77 22.45 33.32
C GLU A 296 -17.31 23.28 32.12
N GLN A 297 -16.01 23.31 31.87
CA GLN A 297 -15.45 24.01 30.72
C GLN A 297 -15.67 23.20 29.44
N LEU A 298 -15.79 21.89 29.58
CA LEU A 298 -16.15 21.04 28.45
C LEU A 298 -17.58 21.31 28.05
N ARG A 299 -18.46 21.26 29.04
CA ARG A 299 -19.88 21.48 28.84
C ARG A 299 -20.10 22.62 27.85
N VAL A 300 -19.47 23.76 28.14
CA VAL A 300 -19.56 24.95 27.31
C VAL A 300 -19.00 24.71 25.92
N GLN A 301 -17.77 24.20 25.87
CA GLN A 301 -17.13 23.86 24.60
C GLN A 301 -17.94 22.84 23.83
N LEU A 302 -18.68 22.00 24.54
CA LEU A 302 -19.51 20.99 23.89
C LEU A 302 -20.86 21.57 23.48
N ASP A 303 -21.42 22.43 24.31
CA ASP A 303 -22.71 23.05 24.02
C ASP A 303 -22.61 24.00 22.85
N THR A 304 -21.49 24.70 22.74
CA THR A 304 -21.31 25.63 21.64
C THR A 304 -21.12 24.87 20.32
N ILE A 305 -20.59 23.66 20.39
CA ILE A 305 -20.36 22.85 19.19
C ILE A 305 -21.67 22.23 18.71
N GLN A 306 -22.52 21.83 19.64
CA GLN A 306 -23.82 21.30 19.27
C GLN A 306 -24.68 22.39 18.63
N SER A 307 -24.53 23.61 19.12
CA SER A 307 -25.28 24.75 18.59
C SER A 307 -24.73 25.22 17.25
N GLU A 308 -23.42 25.08 17.07
CA GLU A 308 -22.78 25.54 15.86
C GLU A 308 -23.18 24.67 14.66
N LEU A 309 -23.75 23.50 14.93
CA LEU A 309 -24.17 22.59 13.87
C LEU A 309 -25.69 22.47 13.81
N ASN A 310 -26.39 23.39 14.47
CA ASN A 310 -27.85 23.51 14.41
C ASN A 310 -28.30 24.94 14.12
N GLN B 18 26.78 -19.19 -79.55
CA GLN B 18 25.75 -20.02 -78.92
C GLN B 18 26.34 -21.29 -78.34
N LEU B 19 27.67 -21.38 -78.31
CA LEU B 19 28.35 -22.61 -77.90
C LEU B 19 28.18 -22.87 -76.41
N LEU B 20 28.75 -21.99 -75.59
CA LEU B 20 28.55 -22.05 -74.14
C LEU B 20 27.61 -20.94 -73.71
N CYS B 21 26.90 -20.36 -74.68
CA CYS B 21 26.05 -19.21 -74.43
C CYS B 21 24.74 -19.59 -73.74
N GLN B 22 24.74 -20.74 -73.07
CA GLN B 22 23.61 -21.13 -72.24
C GLN B 22 23.64 -20.34 -70.92
N ASP B 23 24.55 -19.37 -70.82
CA ASP B 23 24.57 -18.43 -69.70
C ASP B 23 23.39 -17.46 -69.78
N VAL B 24 22.55 -17.64 -70.80
CA VAL B 24 21.24 -17.00 -70.83
C VAL B 24 20.32 -17.72 -69.85
N GLU B 25 20.56 -19.01 -69.63
CA GLU B 25 19.87 -19.76 -68.60
C GLU B 25 20.42 -19.35 -67.24
N ASN B 26 21.66 -18.85 -67.24
CA ASN B 26 22.26 -18.25 -66.05
C ASN B 26 21.78 -16.81 -65.85
N PHE B 27 20.77 -16.42 -66.64
CA PHE B 27 20.17 -15.08 -66.55
C PHE B 27 18.66 -15.20 -66.73
N GLN B 28 18.16 -16.41 -66.66
CA GLN B 28 16.73 -16.68 -66.76
C GLN B 28 16.19 -17.09 -65.41
N LYS B 29 16.85 -18.10 -64.82
CA LYS B 29 16.43 -18.62 -63.53
C LYS B 29 16.56 -17.55 -62.45
N PHE B 30 17.55 -16.68 -62.58
CA PHE B 30 17.81 -15.65 -61.59
C PHE B 30 16.74 -14.55 -61.64
N VAL B 31 16.37 -14.13 -62.84
CA VAL B 31 15.37 -13.08 -63.00
C VAL B 31 14.07 -13.45 -62.32
N LYS B 32 13.70 -14.73 -62.39
CA LYS B 32 12.48 -15.22 -61.76
C LYS B 32 12.59 -15.21 -60.24
N GLU B 33 13.70 -15.78 -59.74
CA GLU B 33 14.01 -15.76 -58.32
C GLU B 33 13.80 -14.34 -57.77
N GLN B 34 14.33 -13.36 -58.47
CA GLN B 34 14.20 -11.96 -58.06
C GLN B 34 12.78 -11.44 -58.32
N LYS B 35 12.05 -12.15 -59.17
CA LYS B 35 10.69 -11.75 -59.49
C LYS B 35 9.71 -12.38 -58.51
N GLN B 36 9.98 -13.62 -58.12
CA GLN B 36 9.06 -14.35 -57.25
C GLN B 36 9.23 -13.94 -55.79
N VAL B 37 10.38 -13.35 -55.45
CA VAL B 37 10.55 -12.73 -54.14
C VAL B 37 9.85 -11.38 -54.16
N GLN B 38 10.03 -10.63 -55.25
CA GLN B 38 9.40 -9.31 -55.36
C GLN B 38 7.91 -9.44 -55.16
N GLU B 39 7.36 -10.59 -55.56
CA GLU B 39 5.95 -10.85 -55.36
C GLU B 39 5.69 -11.17 -53.89
N GLU B 40 6.63 -11.85 -53.25
CA GLU B 40 6.53 -12.15 -51.81
C GLU B 40 6.54 -10.87 -50.99
N ILE B 41 7.40 -9.91 -51.33
CA ILE B 41 7.37 -8.62 -50.68
C ILE B 41 6.03 -7.96 -50.88
N SER B 42 5.52 -8.06 -52.11
CA SER B 42 4.26 -7.43 -52.49
C SER B 42 3.07 -8.00 -51.71
N ARG B 43 3.26 -9.19 -51.15
CA ARG B 43 2.19 -9.88 -50.42
C ARG B 43 2.13 -9.44 -48.95
N MET B 44 3.28 -9.13 -48.38
CA MET B 44 3.36 -8.82 -46.95
C MET B 44 2.73 -7.46 -46.66
N SER B 45 2.14 -7.33 -45.48
CA SER B 45 1.57 -6.08 -45.02
C SER B 45 2.08 -5.73 -43.64
N SER B 46 1.54 -4.65 -43.09
CA SER B 46 1.97 -4.11 -41.82
C SER B 46 0.87 -4.16 -40.77
N LYS B 47 -0.28 -4.71 -41.14
CA LYS B 47 -1.47 -4.65 -40.29
C LYS B 47 -1.20 -5.13 -38.87
N ALA B 48 -0.45 -6.23 -38.73
CA ALA B 48 -0.17 -6.80 -37.43
C ALA B 48 0.73 -5.86 -36.64
N MET B 49 1.84 -5.48 -37.25
CA MET B 49 2.77 -4.51 -36.69
C MET B 49 2.06 -3.23 -36.24
N LEU B 50 0.90 -2.96 -36.84
CA LEU B 50 0.11 -1.78 -36.49
C LEU B 50 -0.87 -2.07 -35.34
N LYS B 51 -1.26 -3.32 -35.14
CA LYS B 51 -2.03 -3.69 -33.95
C LYS B 51 -1.18 -3.47 -32.71
N VAL B 52 0.02 -4.04 -32.75
CA VAL B 52 1.04 -3.84 -31.73
C VAL B 52 1.15 -2.35 -31.40
N GLN B 53 1.16 -1.50 -32.42
CA GLN B 53 1.29 -0.06 -32.20
C GLN B 53 0.07 0.48 -31.43
N GLU B 54 -1.12 0.05 -31.83
CA GLU B 54 -2.34 0.50 -31.18
C GLU B 54 -2.43 -0.07 -29.76
N ASP B 55 -2.31 -1.40 -29.66
CA ASP B 55 -2.37 -2.10 -28.38
C ASP B 55 -1.49 -1.46 -27.29
N ILE B 56 -0.31 -1.00 -27.66
CA ILE B 56 0.59 -0.35 -26.71
C ILE B 56 -0.02 0.94 -26.17
N LYS B 57 -0.55 1.77 -27.06
CA LYS B 57 -1.19 3.02 -26.65
C LYS B 57 -2.43 2.75 -25.79
N ALA B 58 -3.10 1.64 -26.03
CA ALA B 58 -4.30 1.29 -25.29
C ALA B 58 -3.96 0.85 -23.88
N LEU B 59 -2.98 -0.03 -23.76
CA LEU B 59 -2.60 -0.55 -22.45
C LEU B 59 -1.92 0.53 -21.61
N LYS B 60 -1.19 1.45 -22.24
CA LYS B 60 -0.66 2.58 -21.50
C LYS B 60 -1.81 3.32 -20.84
N GLN B 61 -2.91 3.47 -21.57
CA GLN B 61 -4.06 4.24 -21.06
C GLN B 61 -4.75 3.55 -19.87
N LEU B 62 -4.89 2.24 -19.94
CA LEU B 62 -5.47 1.47 -18.83
C LEU B 62 -4.54 1.48 -17.61
N LEU B 63 -3.26 1.26 -17.85
CA LEU B 63 -2.29 1.25 -16.78
C LEU B 63 -2.28 2.58 -16.04
N SER B 64 -2.42 3.65 -16.81
CA SER B 64 -2.32 5.00 -16.27
C SER B 64 -3.47 5.32 -15.35
N VAL B 65 -4.69 5.01 -15.77
CA VAL B 65 -5.84 5.25 -14.91
C VAL B 65 -5.68 4.40 -13.64
N ALA B 66 -5.19 3.18 -13.80
CA ALA B 66 -5.06 2.27 -12.66
C ALA B 66 -4.05 2.82 -11.67
N SER B 67 -2.88 3.18 -12.17
CA SER B 67 -1.82 3.68 -11.30
C SER B 67 -2.26 5.00 -10.66
N SER B 68 -3.03 5.82 -11.37
CA SER B 68 -3.60 7.03 -10.78
C SER B 68 -4.46 6.72 -9.54
N GLY B 69 -5.43 5.83 -9.71
CA GLY B 69 -6.27 5.37 -8.60
C GLY B 69 -5.47 4.67 -7.51
N LEU B 70 -4.35 4.06 -7.89
CA LEU B 70 -3.50 3.42 -6.89
C LEU B 70 -2.91 4.46 -5.95
N GLN B 71 -2.59 5.63 -6.47
CA GLN B 71 -1.98 6.66 -5.63
C GLN B 71 -3.05 7.32 -4.80
N ARG B 72 -4.25 7.39 -5.35
CA ARG B 72 -5.36 8.02 -4.67
C ARG B 72 -5.68 7.28 -3.36
N ASN B 73 -5.76 5.96 -3.42
CA ASN B 73 -6.18 5.22 -2.26
C ASN B 73 -4.99 4.66 -1.46
N ALA B 74 -3.77 4.89 -1.97
CA ALA B 74 -2.56 4.67 -1.16
C ALA B 74 -2.49 5.75 -0.09
N LEU B 75 -2.91 6.97 -0.47
CA LEU B 75 -3.11 8.06 0.49
C LEU B 75 -4.19 7.69 1.50
N ALA B 76 -5.26 7.09 1.01
CA ALA B 76 -6.39 6.67 1.85
C ALA B 76 -5.93 5.66 2.88
N ILE B 77 -4.89 4.90 2.52
CA ILE B 77 -4.44 3.78 3.33
C ILE B 77 -3.45 4.25 4.40
N ASP B 78 -2.67 5.26 4.09
CA ASP B 78 -1.72 5.71 5.09
C ASP B 78 -2.48 6.48 6.14
N LYS B 79 -3.51 7.21 5.70
CA LYS B 79 -4.31 8.00 6.62
C LYS B 79 -5.01 7.04 7.59
N LEU B 80 -5.45 5.92 7.05
CA LEU B 80 -6.17 4.90 7.80
C LEU B 80 -5.27 4.17 8.79
N LYS B 81 -4.05 3.88 8.35
CA LYS B 81 -3.08 3.18 9.18
C LYS B 81 -2.73 4.03 10.39
N ILE B 82 -2.57 5.32 10.16
CA ILE B 82 -2.19 6.25 11.23
C ILE B 82 -3.29 6.35 12.26
N GLU B 83 -4.51 6.48 11.78
CA GLU B 83 -5.68 6.67 12.63
C GLU B 83 -5.99 5.42 13.46
N THR B 84 -5.87 4.25 12.84
CA THR B 84 -6.01 2.98 13.56
C THR B 84 -4.98 2.88 14.67
N ALA B 85 -3.83 3.48 14.45
CA ALA B 85 -2.75 3.40 15.40
C ALA B 85 -3.00 4.40 16.53
N GLU B 86 -3.53 5.56 16.18
CA GLU B 86 -3.90 6.55 17.18
C GLU B 86 -5.02 6.01 18.07
N GLU B 87 -5.91 5.22 17.48
CA GLU B 87 -7.09 4.75 18.23
C GLU B 87 -6.69 3.55 19.08
N LEU B 88 -5.67 2.82 18.64
CA LEU B 88 -5.11 1.73 19.45
C LEU B 88 -4.46 2.29 20.70
N LYS B 89 -3.85 3.46 20.60
CA LYS B 89 -3.29 4.14 21.76
C LYS B 89 -4.38 4.54 22.74
N ASN B 90 -5.50 5.01 22.20
CA ASN B 90 -6.61 5.48 23.00
C ASN B 90 -7.27 4.35 23.80
N ALA B 91 -7.29 3.15 23.24
CA ALA B 91 -7.82 2.00 23.95
C ALA B 91 -6.87 1.57 25.05
N GLU B 92 -5.58 1.78 24.82
CA GLU B 92 -4.58 1.47 25.84
C GLU B 92 -4.71 2.44 27.02
N ILE B 93 -5.26 3.63 26.77
CA ILE B 93 -5.57 4.55 27.86
C ILE B 93 -6.59 3.89 28.77
N ALA B 94 -7.66 3.37 28.16
CA ALA B 94 -8.73 2.70 28.90
C ALA B 94 -8.18 1.54 29.74
N LEU B 95 -7.29 0.74 29.15
CA LEU B 95 -6.69 -0.36 29.88
C LEU B 95 -5.83 0.15 31.03
N ARG B 96 -5.20 1.30 30.86
CA ARG B 96 -4.37 1.84 31.91
C ARG B 96 -5.27 2.30 33.05
N THR B 97 -6.40 2.91 32.72
CA THR B 97 -7.34 3.41 33.73
C THR B 97 -7.85 2.28 34.64
N GLN B 98 -8.34 1.20 34.03
CA GLN B 98 -8.79 0.02 34.77
C GLN B 98 -7.70 -0.53 35.71
N LYS B 99 -6.48 -0.66 35.21
CA LYS B 99 -5.38 -1.20 35.99
C LYS B 99 -5.08 -0.37 37.22
N THR B 100 -5.20 0.95 37.06
CA THR B 100 -4.84 1.87 38.13
C THR B 100 -5.77 1.70 39.31
N PRO B 101 -5.23 1.53 40.52
CA PRO B 101 -6.09 1.44 41.72
C PRO B 101 -6.61 2.79 42.20
N PRO B 102 -7.70 2.82 42.98
CA PRO B 102 -8.35 4.08 43.39
C PRO B 102 -7.41 5.09 44.02
N GLY B 103 -6.40 4.61 44.74
CA GLY B 103 -5.42 5.48 45.38
C GLY B 103 -4.48 6.22 44.43
N LEU B 104 -4.40 5.77 43.19
CA LEU B 104 -3.55 6.43 42.19
C LEU B 104 -4.33 6.99 40.99
N GLN B 105 -5.65 7.13 41.12
CA GLN B 105 -6.46 7.62 40.00
C GLN B 105 -6.26 9.14 39.76
N HIS B 106 -5.98 9.88 40.82
CA HIS B 106 -5.76 11.33 40.73
C HIS B 106 -4.49 11.66 39.93
N GLU B 107 -3.68 10.64 39.73
CA GLU B 107 -2.46 10.78 38.93
C GLU B 107 -2.67 10.22 37.53
N ASN B 108 -3.91 9.82 37.24
CA ASN B 108 -4.27 9.35 35.92
C ASN B 108 -4.78 10.51 35.08
N THR B 109 -3.85 11.26 34.50
CA THR B 109 -4.15 12.46 33.76
C THR B 109 -4.48 12.20 32.28
N ALA B 110 -4.19 10.99 31.80
CA ALA B 110 -4.30 10.73 30.37
C ALA B 110 -5.74 10.85 29.84
N PRO B 111 -6.74 10.30 30.57
CA PRO B 111 -8.14 10.49 30.14
C PRO B 111 -8.50 11.96 29.95
N ALA B 112 -7.98 12.84 30.79
CA ALA B 112 -8.26 14.26 30.64
C ALA B 112 -7.66 14.79 29.33
N ASP B 113 -6.45 14.37 28.99
CA ASP B 113 -5.80 14.79 27.76
C ASP B 113 -6.59 14.29 26.55
N TYR B 114 -7.13 13.09 26.68
CA TYR B 114 -7.93 12.51 25.63
C TYR B 114 -9.11 13.41 25.30
N PHE B 115 -9.88 13.79 26.31
CA PHE B 115 -11.09 14.58 26.08
C PHE B 115 -10.74 15.99 25.63
N HIS B 116 -9.72 16.60 26.22
CA HIS B 116 -9.31 17.94 25.79
C HIS B 116 -8.91 17.89 24.30
N THR B 117 -8.15 16.87 23.92
CA THR B 117 -7.78 16.63 22.53
C THR B 117 -9.03 16.35 21.69
N LEU B 118 -10.02 15.70 22.30
CA LEU B 118 -11.21 15.24 21.59
C LEU B 118 -12.07 16.40 21.08
N VAL B 119 -12.24 17.42 21.91
CA VAL B 119 -13.10 18.55 21.56
C VAL B 119 -12.45 19.50 20.57
N GLN B 120 -11.13 19.62 20.63
CA GLN B 120 -10.44 20.47 19.66
C GLN B 120 -10.40 19.72 18.34
N GLN B 121 -10.52 18.40 18.40
CA GLN B 121 -10.63 17.59 17.20
C GLN B 121 -12.02 17.75 16.60
N PHE B 122 -13.03 17.92 17.46
CA PHE B 122 -14.39 18.22 17.02
C PHE B 122 -14.45 19.56 16.31
N GLU B 123 -13.90 20.58 16.95
CA GLU B 123 -13.83 21.93 16.40
C GLU B 123 -13.11 21.97 15.05
N VAL B 124 -12.05 21.18 14.95
CA VAL B 124 -11.29 21.04 13.72
C VAL B 124 -12.07 20.23 12.67
N GLN B 125 -13.02 19.42 13.12
CA GLN B 125 -13.72 18.52 12.22
C GLN B 125 -14.85 19.18 11.45
N LEU B 126 -15.70 19.96 12.13
CA LEU B 126 -16.80 20.58 11.41
C LEU B 126 -16.29 21.75 10.58
N GLN B 127 -15.09 22.25 10.91
CA GLN B 127 -14.48 23.30 10.11
C GLN B 127 -14.05 22.70 8.78
N GLN B 128 -13.49 21.51 8.83
CA GLN B 128 -13.17 20.74 7.62
C GLN B 128 -14.43 20.43 6.84
N TYR B 129 -15.45 19.92 7.54
CA TYR B 129 -16.70 19.50 6.93
C TYR B 129 -17.44 20.67 6.27
N ARG B 130 -17.46 21.83 6.91
CA ARG B 130 -17.94 23.03 6.25
C ARG B 130 -17.11 23.31 5.00
N GLN B 131 -15.78 23.28 5.13
CA GLN B 131 -14.91 23.53 3.99
C GLN B 131 -15.18 22.52 2.88
N GLN B 132 -15.36 21.26 3.25
CA GLN B 132 -15.65 20.23 2.26
C GLN B 132 -16.98 20.49 1.56
N ILE B 133 -17.93 21.06 2.29
CA ILE B 133 -19.27 21.32 1.74
C ILE B 133 -19.20 22.35 0.63
N GLU B 134 -18.54 23.48 0.91
CA GLU B 134 -18.39 24.55 -0.06
C GLU B 134 -17.68 24.07 -1.33
N GLU B 135 -16.54 23.41 -1.17
CA GLU B 135 -15.81 22.81 -2.27
C GLU B 135 -16.76 22.00 -3.16
N LEU B 136 -17.66 21.27 -2.51
CA LEU B 136 -18.58 20.37 -3.19
C LEU B 136 -19.70 21.13 -3.89
N GLU B 137 -20.01 22.32 -3.37
CA GLU B 137 -20.95 23.22 -4.01
C GLU B 137 -20.32 23.87 -5.25
N ASN B 138 -19.11 24.38 -5.08
CA ASN B 138 -18.37 24.99 -6.18
C ASN B 138 -18.09 23.98 -7.27
N HIS B 139 -17.94 22.71 -6.90
CA HIS B 139 -17.64 21.66 -7.85
C HIS B 139 -18.86 21.36 -8.73
N LEU B 140 -20.02 21.84 -8.32
CA LEU B 140 -21.29 21.54 -8.99
C LEU B 140 -21.75 22.64 -9.93
N ALA B 141 -21.42 23.88 -9.60
CA ALA B 141 -21.74 25.04 -10.42
C ALA B 141 -21.09 24.94 -11.81
N LEU C 20 18.23 -13.35 -80.62
CA LEU C 20 19.40 -13.56 -79.77
C LEU C 20 19.74 -12.28 -79.00
N GLU C 21 19.50 -11.13 -79.65
CA GLU C 21 19.95 -9.83 -79.17
C GLU C 21 18.78 -8.95 -78.81
N ASN C 22 17.66 -9.14 -79.49
CA ASN C 22 16.46 -8.36 -79.23
C ASN C 22 15.87 -8.76 -77.87
N LEU C 23 16.14 -9.99 -77.47
CA LEU C 23 15.73 -10.47 -76.15
C LEU C 23 16.37 -9.61 -75.08
N ILE C 24 17.66 -9.33 -75.23
CA ILE C 24 18.39 -8.50 -74.28
C ILE C 24 17.68 -7.16 -74.07
N ASN C 25 16.89 -6.74 -75.06
CA ASN C 25 16.10 -5.51 -74.93
C ASN C 25 14.86 -5.71 -74.06
N LYS C 26 14.49 -6.96 -73.80
CA LYS C 26 13.38 -7.27 -72.88
C LYS C 26 13.87 -7.25 -71.44
N TRP C 27 14.83 -8.11 -71.13
CA TRP C 27 15.34 -8.24 -69.77
C TRP C 27 15.90 -6.90 -69.30
N SER C 28 16.42 -6.11 -70.23
CA SER C 28 16.99 -4.80 -69.90
C SER C 28 15.88 -3.75 -69.77
N LEU C 29 14.65 -4.14 -70.09
CA LEU C 29 13.51 -3.24 -69.87
C LEU C 29 12.70 -3.73 -68.66
N GLU C 30 12.89 -5.00 -68.29
CA GLU C 30 12.39 -5.53 -67.04
C GLU C 30 13.16 -4.91 -65.86
N LEU C 31 14.49 -4.89 -65.97
CA LEU C 31 15.35 -4.24 -64.97
C LEU C 31 15.04 -2.74 -64.91
N GLU C 32 14.51 -2.21 -66.00
CA GLU C 32 13.95 -0.85 -66.00
C GLU C 32 12.45 -0.94 -65.65
N ASP C 33 12.11 -1.94 -64.85
CA ASP C 33 10.77 -2.09 -64.28
C ASP C 33 10.86 -2.72 -62.87
N GLN C 34 12.00 -3.32 -62.54
CA GLN C 34 12.24 -3.96 -61.25
C GLN C 34 13.12 -3.10 -60.34
N GLU C 35 13.88 -2.19 -60.93
CA GLU C 35 14.71 -1.30 -60.14
C GLU C 35 13.83 -0.40 -59.28
N LYS C 36 12.90 0.29 -59.92
CA LYS C 36 12.03 1.22 -59.20
C LYS C 36 11.15 0.47 -58.18
N HIS C 37 10.93 -0.83 -58.39
CA HIS C 37 10.25 -1.63 -57.38
C HIS C 37 11.16 -1.75 -56.18
N PHE C 38 12.41 -2.13 -56.44
CA PHE C 38 13.40 -2.32 -55.38
C PHE C 38 13.51 -1.10 -54.48
N LEU C 39 13.65 0.08 -55.09
CA LEU C 39 13.79 1.31 -54.32
C LEU C 39 12.52 1.62 -53.52
N GLN C 40 11.36 1.37 -54.11
CA GLN C 40 10.10 1.54 -53.39
C GLN C 40 10.10 0.66 -52.15
N GLN C 41 10.49 -0.60 -52.35
CA GLN C 41 10.45 -1.60 -51.29
C GLN C 41 11.47 -1.30 -50.19
N ALA C 42 12.68 -0.96 -50.60
CA ALA C 42 13.73 -0.66 -49.65
C ALA C 42 13.35 0.57 -48.83
N THR C 43 12.62 1.49 -49.45
CA THR C 43 12.21 2.71 -48.77
C THR C 43 11.22 2.35 -47.67
N GLN C 44 10.31 1.43 -47.99
CA GLN C 44 9.23 1.08 -47.08
C GLN C 44 9.70 0.11 -46.01
N VAL C 45 10.72 -0.68 -46.35
CA VAL C 45 11.36 -1.55 -45.36
C VAL C 45 12.02 -0.68 -44.29
N ASN C 46 12.76 0.33 -44.72
CA ASN C 46 13.38 1.25 -43.80
C ASN C 46 12.35 2.01 -42.97
N ALA C 47 11.11 2.04 -43.44
CA ALA C 47 10.02 2.67 -42.73
C ALA C 47 9.40 1.71 -41.73
N TRP C 48 9.02 0.53 -42.22
CA TRP C 48 8.47 -0.50 -41.35
C TRP C 48 9.43 -0.93 -40.24
N ASP C 49 10.71 -1.06 -40.53
CA ASP C 49 11.62 -1.52 -39.49
C ASP C 49 11.82 -0.38 -38.47
N ARG C 50 11.48 0.85 -38.85
CA ARG C 50 11.51 1.95 -37.87
C ARG C 50 10.36 1.77 -36.88
N THR C 51 9.22 1.36 -37.39
CA THR C 51 8.04 1.09 -36.58
C THR C 51 8.32 -0.01 -35.58
N LEU C 52 8.92 -1.10 -36.06
CA LEU C 52 9.23 -2.25 -35.22
C LEU C 52 10.22 -1.90 -34.11
N MET C 53 11.01 -0.87 -34.33
CA MET C 53 12.00 -0.46 -33.34
C MET C 53 11.34 0.41 -32.29
N GLN C 54 10.37 1.21 -32.73
CA GLN C 54 9.60 2.06 -31.83
C GLN C 54 8.76 1.18 -30.93
N ASN C 55 8.25 0.10 -31.52
CA ASN C 55 7.43 -0.85 -30.80
C ASN C 55 8.21 -1.48 -29.63
N GLY C 56 9.27 -2.22 -29.94
CA GLY C 56 10.09 -2.84 -28.91
C GLY C 56 10.51 -1.87 -27.82
N GLU C 57 10.85 -0.63 -28.18
CA GLU C 57 11.22 0.39 -27.20
C GLU C 57 10.04 0.72 -26.30
N ARG C 58 8.88 0.91 -26.91
CA ARG C 58 7.67 1.25 -26.17
C ARG C 58 7.13 0.04 -25.41
N ILE C 59 7.27 -1.15 -25.97
CA ILE C 59 6.94 -2.39 -25.28
C ILE C 59 7.75 -2.58 -24.01
N THR C 60 9.05 -2.29 -24.12
CA THR C 60 9.99 -2.48 -23.02
C THR C 60 9.67 -1.49 -21.90
N THR C 61 9.41 -0.25 -22.27
CA THR C 61 9.07 0.80 -21.31
C THR C 61 7.78 0.42 -20.58
N LEU C 62 6.76 0.06 -21.35
CA LEU C 62 5.50 -0.43 -20.81
C LEU C 62 5.70 -1.54 -19.78
N HIS C 63 6.52 -2.51 -20.13
CA HIS C 63 6.70 -3.69 -19.31
C HIS C 63 7.27 -3.35 -17.94
N ARG C 64 8.19 -2.40 -17.89
CA ARG C 64 8.90 -2.13 -16.65
C ARG C 64 7.99 -1.32 -15.72
N GLU C 65 7.20 -0.43 -16.29
CA GLU C 65 6.21 0.31 -15.50
C GLU C 65 5.18 -0.69 -14.96
N MET C 66 4.78 -1.64 -15.80
CA MET C 66 3.85 -2.69 -15.41
C MET C 66 4.33 -3.48 -14.19
N GLU C 67 5.65 -3.71 -14.11
CA GLU C 67 6.24 -4.42 -12.97
C GLU C 67 6.31 -3.50 -11.76
N LYS C 68 6.66 -2.23 -12.00
CA LYS C 68 6.75 -1.25 -10.93
C LYS C 68 5.41 -1.12 -10.20
N VAL C 69 4.35 -1.01 -10.99
CA VAL C 69 3.01 -0.84 -10.45
C VAL C 69 2.57 -2.12 -9.74
N LYS C 70 3.02 -3.27 -10.24
CA LYS C 70 2.76 -4.53 -9.55
C LYS C 70 3.31 -4.47 -8.12
N LEU C 71 4.54 -3.98 -8.01
CA LEU C 71 5.22 -3.82 -6.72
C LEU C 71 4.45 -2.93 -5.77
N ASP C 72 4.06 -1.76 -6.26
CA ASP C 72 3.32 -0.80 -5.47
C ASP C 72 2.01 -1.41 -4.99
N GLN C 73 1.39 -2.23 -5.85
CA GLN C 73 0.15 -2.88 -5.50
C GLN C 73 0.36 -3.83 -4.34
N LYS C 74 1.38 -4.67 -4.45
CA LYS C 74 1.71 -5.62 -3.40
C LYS C 74 2.08 -4.90 -2.09
N ARG C 75 2.68 -3.72 -2.18
CA ARG C 75 2.97 -2.95 -0.98
C ARG C 75 1.66 -2.56 -0.28
N LEU C 76 0.69 -2.12 -1.08
CA LEU C 76 -0.62 -1.75 -0.57
C LEU C 76 -1.30 -2.96 0.06
N ASP C 77 -1.19 -4.11 -0.58
CA ASP C 77 -1.76 -5.35 -0.04
C ASP C 77 -1.19 -5.64 1.36
N GLN C 78 0.10 -5.41 1.54
CA GLN C 78 0.78 -5.65 2.80
C GLN C 78 0.35 -4.67 3.89
N GLU C 79 0.29 -3.39 3.53
CA GLU C 79 -0.18 -2.36 4.44
C GLU C 79 -1.62 -2.67 4.86
N LEU C 80 -2.38 -3.25 3.95
CA LEU C 80 -3.81 -3.50 4.18
C LEU C 80 -4.02 -4.70 5.11
N ASP C 81 -3.08 -5.64 5.04
CA ASP C 81 -3.07 -6.78 5.96
C ASP C 81 -2.68 -6.27 7.33
N PHE C 82 -1.74 -5.34 7.34
CA PHE C 82 -1.26 -4.79 8.60
C PHE C 82 -2.40 -4.10 9.30
N ILE C 83 -3.14 -3.28 8.56
CA ILE C 83 -4.25 -2.52 9.11
C ILE C 83 -5.26 -3.49 9.72
N LEU C 84 -5.53 -4.58 9.00
CA LEU C 84 -6.50 -5.58 9.48
C LEU C 84 -6.05 -6.14 10.82
N SER C 85 -4.78 -6.51 10.89
CA SER C 85 -4.20 -7.03 12.12
C SER C 85 -4.32 -5.97 13.25
N GLN C 86 -4.04 -4.72 12.94
CA GLN C 86 -4.15 -3.63 13.92
C GLN C 86 -5.57 -3.53 14.46
N GLN C 87 -6.55 -3.57 13.55
CA GLN C 87 -7.95 -3.44 13.93
C GLN C 87 -8.44 -4.66 14.70
N LYS C 88 -7.91 -5.82 14.36
CA LYS C 88 -8.25 -7.05 15.06
C LYS C 88 -7.65 -6.97 16.48
N GLU C 89 -6.44 -6.45 16.58
CA GLU C 89 -5.84 -6.21 17.87
C GLU C 89 -6.72 -5.26 18.70
N LEU C 90 -7.25 -4.24 18.07
CA LEU C 90 -8.00 -3.20 18.77
C LEU C 90 -9.34 -3.72 19.31
N GLU C 91 -9.97 -4.64 18.59
CA GLU C 91 -11.25 -5.18 19.05
C GLU C 91 -11.03 -6.15 20.19
N ASP C 92 -10.03 -7.01 20.04
CA ASP C 92 -9.70 -7.99 21.07
C ASP C 92 -9.35 -7.31 22.38
N LEU C 93 -8.84 -6.09 22.28
CA LEU C 93 -8.47 -5.30 23.44
C LEU C 93 -9.67 -4.59 24.01
N LEU C 94 -10.67 -4.41 23.18
CA LEU C 94 -11.76 -3.51 23.49
C LEU C 94 -12.98 -4.23 24.07
N THR C 95 -13.25 -5.45 23.60
CA THR C 95 -14.43 -6.17 24.09
C THR C 95 -14.37 -6.48 25.59
N PRO C 96 -13.20 -6.91 26.15
CA PRO C 96 -13.19 -7.18 27.59
C PRO C 96 -13.41 -5.90 28.39
N LEU C 97 -12.91 -4.78 27.87
CA LEU C 97 -13.10 -3.52 28.55
C LEU C 97 -14.57 -3.19 28.55
N GLU C 98 -15.23 -3.40 27.42
CA GLU C 98 -16.65 -3.12 27.28
C GLU C 98 -17.48 -3.94 28.25
N GLU C 99 -17.12 -5.21 28.39
CA GLU C 99 -17.83 -6.10 29.29
C GLU C 99 -17.61 -5.70 30.75
N SER C 100 -16.36 -5.62 31.17
CA SER C 100 -16.05 -5.33 32.56
C SER C 100 -16.66 -4.00 32.96
N VAL C 101 -16.52 -3.01 32.10
CA VAL C 101 -17.08 -1.69 32.36
C VAL C 101 -18.62 -1.77 32.45
N LYS C 102 -19.21 -2.76 31.76
CA LYS C 102 -20.67 -3.04 31.85
C LYS C 102 -21.16 -3.36 33.28
N GLU C 103 -20.55 -4.33 34.00
CA GLU C 103 -20.79 -4.45 35.46
C GLU C 103 -20.25 -3.18 36.12
N GLN C 104 -21.08 -2.15 36.23
CA GLN C 104 -20.64 -0.81 36.61
C GLN C 104 -19.78 -0.80 37.87
N GLN C 111 -25.39 12.70 43.68
CA GLN C 111 -25.72 12.23 42.35
C GLN C 111 -26.01 13.40 41.41
N HIS C 112 -26.21 14.59 41.96
CA HIS C 112 -26.37 15.77 41.12
C HIS C 112 -25.14 15.90 40.22
N ALA C 113 -23.96 15.68 40.80
CA ALA C 113 -22.71 15.76 40.07
C ALA C 113 -22.55 14.59 39.12
N ASP C 114 -22.99 13.42 39.56
CA ASP C 114 -22.87 12.20 38.78
C ASP C 114 -23.87 12.20 37.61
N GLU C 115 -24.97 12.93 37.76
CA GLU C 115 -25.98 13.06 36.71
C GLU C 115 -25.62 14.15 35.74
N GLU C 116 -25.05 15.22 36.26
CA GLU C 116 -24.64 16.35 35.43
C GLU C 116 -23.42 15.97 34.61
N ARG C 117 -22.50 15.24 35.22
CA ARG C 117 -21.30 14.79 34.54
C ARG C 117 -21.65 13.82 33.42
N GLU C 118 -22.70 13.04 33.63
CA GLU C 118 -23.13 12.08 32.63
C GLU C 118 -23.74 12.78 31.43
N LYS C 119 -24.41 13.91 31.67
CA LYS C 119 -24.94 14.69 30.58
C LYS C 119 -23.80 15.22 29.75
N THR C 120 -22.81 15.79 30.45
CA THR C 120 -21.66 16.42 29.81
C THR C 120 -20.98 15.43 28.87
N TYR C 121 -20.67 14.24 29.36
CA TYR C 121 -19.93 13.27 28.56
C TYR C 121 -20.80 12.53 27.53
N LYS C 122 -22.11 12.52 27.72
CA LYS C 122 -23.00 11.93 26.73
C LYS C 122 -23.14 12.89 25.56
N LEU C 123 -23.08 14.17 25.88
CA LEU C 123 -23.15 15.20 24.87
C LEU C 123 -21.99 15.02 23.88
N ALA C 124 -20.84 14.60 24.42
CA ALA C 124 -19.67 14.30 23.61
C ALA C 124 -19.89 13.03 22.77
N GLU C 125 -20.51 12.02 23.37
CA GLU C 125 -20.82 10.78 22.67
C GLU C 125 -21.70 11.06 21.45
N ASN C 126 -22.68 11.93 21.62
CA ASN C 126 -23.60 12.28 20.55
C ASN C 126 -22.92 13.06 19.42
N ILE C 127 -22.15 14.07 19.81
CA ILE C 127 -21.45 14.92 18.86
C ILE C 127 -20.54 14.09 17.98
N ASP C 128 -19.89 13.12 18.59
CA ASP C 128 -18.98 12.24 17.87
C ASP C 128 -19.78 11.37 16.91
N ALA C 129 -20.97 10.97 17.36
CA ALA C 129 -21.87 10.18 16.53
C ALA C 129 -22.36 10.98 15.32
N GLN C 130 -22.63 12.26 15.53
CA GLN C 130 -23.08 13.15 14.46
C GLN C 130 -22.00 13.41 13.42
N LEU C 131 -20.81 13.82 13.88
CA LEU C 131 -19.70 14.20 13.02
C LEU C 131 -19.20 13.02 12.21
N LYS C 132 -19.38 11.82 12.73
CA LYS C 132 -19.00 10.61 12.01
C LYS C 132 -20.01 10.29 10.93
N ARG C 133 -21.28 10.57 11.20
CA ARG C 133 -22.33 10.42 10.20
C ARG C 133 -22.09 11.41 9.06
N MET C 134 -21.88 12.68 9.41
CA MET C 134 -21.55 13.72 8.43
C MET C 134 -20.36 13.30 7.57
N ALA C 135 -19.33 12.74 8.21
CA ALA C 135 -18.16 12.27 7.49
C ALA C 135 -18.55 11.15 6.54
N GLN C 136 -19.36 10.21 7.04
CA GLN C 136 -19.71 9.04 6.26
C GLN C 136 -20.55 9.44 5.05
N ASP C 137 -21.33 10.51 5.23
CA ASP C 137 -22.25 10.96 4.18
C ASP C 137 -21.52 11.70 3.08
N LEU C 138 -20.61 12.59 3.47
CA LEU C 138 -19.78 13.30 2.51
C LEU C 138 -18.91 12.35 1.66
N LYS C 139 -18.45 11.26 2.27
CA LYS C 139 -17.66 10.28 1.54
C LYS C 139 -18.48 9.56 0.51
N GLU C 140 -19.73 9.23 0.86
CA GLU C 140 -20.57 8.48 -0.04
C GLU C 140 -21.00 9.38 -1.21
N VAL C 141 -21.14 10.68 -0.92
CA VAL C 141 -21.47 11.64 -1.97
C VAL C 141 -20.35 11.69 -3.00
N ILE C 142 -19.12 11.81 -2.52
CA ILE C 142 -17.94 11.81 -3.37
C ILE C 142 -17.77 10.48 -4.09
N GLU C 143 -18.29 9.41 -3.51
CA GLU C 143 -18.26 8.11 -4.16
C GLU C 143 -19.21 8.11 -5.36
N HIS C 144 -20.36 8.78 -5.21
CA HIS C 144 -21.32 8.93 -6.31
C HIS C 144 -20.82 9.96 -7.32
N LEU C 145 -19.78 10.69 -6.94
CA LEU C 145 -19.29 11.81 -7.72
C LEU C 145 -18.23 11.38 -8.73
N ASN C 146 -17.16 10.78 -8.23
CA ASN C 146 -16.07 10.34 -9.06
C ASN C 146 -16.37 8.98 -9.70
N THR C 147 -17.50 8.92 -10.39
CA THR C 147 -17.96 7.70 -11.05
C THR C 147 -17.67 7.77 -12.55
N GLN D 6 -19.84 -6.02 42.88
CA GLN D 6 -18.92 -5.67 44.02
C GLN D 6 -17.60 -6.41 43.98
N VAL D 7 -16.54 -5.69 43.66
CA VAL D 7 -15.22 -6.29 43.55
C VAL D 7 -14.72 -6.67 44.93
N GLN D 8 -14.49 -7.96 45.09
CA GLN D 8 -14.04 -8.55 46.33
C GLN D 8 -12.72 -9.24 46.06
N LEU D 9 -11.66 -8.86 46.77
CA LEU D 9 -10.33 -9.44 46.57
C LEU D 9 -9.68 -9.82 47.91
N GLN D 10 -9.06 -11.00 47.96
CA GLN D 10 -8.37 -11.46 49.17
C GLN D 10 -7.00 -12.02 48.82
N GLU D 11 -5.94 -11.36 49.27
CA GLU D 11 -4.58 -11.83 48.91
C GLU D 11 -3.92 -12.57 50.06
N SER D 12 -2.83 -13.25 49.75
CA SER D 12 -2.08 -14.03 50.71
C SER D 12 -0.75 -14.52 50.13
N GLY D 13 0.04 -15.18 50.95
CA GLY D 13 1.30 -15.75 50.49
C GLY D 13 2.49 -14.95 50.94
N GLY D 14 2.21 -13.91 51.71
CA GLY D 14 3.23 -13.03 52.23
C GLY D 14 3.85 -13.62 53.48
N GLY D 15 4.92 -12.99 53.93
CA GLY D 15 5.66 -13.46 55.09
C GLY D 15 6.96 -12.70 55.23
N LEU D 16 7.88 -13.28 55.98
CA LEU D 16 9.19 -12.66 56.26
C LEU D 16 10.29 -13.54 55.70
N VAL D 17 11.17 -12.96 54.88
CA VAL D 17 12.22 -13.71 54.22
C VAL D 17 13.55 -12.96 54.21
N GLN D 18 14.65 -13.68 54.01
CA GLN D 18 15.97 -13.06 53.99
C GLN D 18 16.21 -12.46 52.61
N PRO D 19 17.14 -11.49 52.50
CA PRO D 19 17.54 -10.95 51.20
C PRO D 19 17.96 -12.05 50.23
N GLY D 20 17.47 -11.98 49.00
CA GLY D 20 17.75 -13.00 48.01
C GLY D 20 16.67 -14.06 47.95
N GLY D 21 15.71 -13.97 48.87
CA GLY D 21 14.66 -14.96 48.99
C GLY D 21 13.63 -14.88 47.89
N SER D 22 12.71 -15.85 47.88
CA SER D 22 11.66 -15.92 46.89
C SER D 22 10.29 -15.99 47.59
N LEU D 23 9.23 -15.58 46.89
CA LEU D 23 7.86 -15.66 47.40
C LEU D 23 6.87 -15.67 46.25
N ARG D 24 5.71 -16.26 46.49
CA ARG D 24 4.65 -16.38 45.49
C ARG D 24 3.33 -15.98 46.12
N LEU D 25 2.77 -14.85 45.68
CA LEU D 25 1.53 -14.33 46.24
C LEU D 25 0.30 -14.75 45.41
N SER D 26 -0.88 -14.78 46.05
CA SER D 26 -2.14 -15.04 45.34
C SER D 26 -3.14 -13.95 45.68
N CYS D 27 -4.13 -13.80 44.82
CA CYS D 27 -5.24 -12.91 45.06
C CYS D 27 -6.49 -13.61 44.54
N ALA D 28 -7.38 -13.96 45.45
CA ALA D 28 -8.63 -14.61 45.08
C ALA D 28 -9.66 -13.53 44.76
N ALA D 29 -10.27 -13.63 43.59
CA ALA D 29 -11.27 -12.66 43.15
C ALA D 29 -12.69 -13.24 43.20
N SER D 30 -13.67 -12.40 43.54
CA SER D 30 -15.07 -12.80 43.58
C SER D 30 -15.96 -11.55 43.54
N GLY D 31 -17.22 -11.73 43.10
CA GLY D 31 -18.17 -10.63 43.03
C GLY D 31 -18.14 -9.92 41.70
N PHE D 32 -17.33 -10.44 40.78
CA PHE D 32 -17.18 -9.85 39.46
C PHE D 32 -16.52 -10.83 38.52
N THR D 33 -16.82 -10.68 37.23
CA THR D 33 -16.35 -11.60 36.19
C THR D 33 -14.86 -11.34 35.87
N PHE D 34 -14.03 -11.86 36.76
CA PHE D 34 -12.58 -11.64 36.78
C PHE D 34 -11.88 -11.71 35.41
N SER D 35 -12.31 -12.64 34.55
CA SER D 35 -11.66 -12.90 33.26
C SER D 35 -11.69 -11.72 32.30
N ASN D 36 -12.58 -10.76 32.55
CA ASN D 36 -12.75 -9.62 31.68
C ASN D 36 -11.99 -8.39 32.18
N TYR D 37 -11.49 -8.46 33.40
CA TYR D 37 -10.86 -7.29 34.05
C TYR D 37 -9.32 -7.33 33.98
N ALA D 38 -8.70 -6.16 33.99
CA ALA D 38 -7.25 -6.09 34.11
C ALA D 38 -6.95 -5.95 35.59
N MET D 39 -5.77 -6.39 36.01
CA MET D 39 -5.42 -6.44 37.44
C MET D 39 -4.05 -5.86 37.68
N SER D 40 -3.83 -5.35 38.88
CA SER D 40 -2.54 -4.82 39.27
C SER D 40 -2.08 -5.37 40.61
N TRP D 41 -0.78 -5.41 40.80
CA TRP D 41 -0.20 -5.61 42.13
C TRP D 41 0.32 -4.27 42.57
N VAL D 42 -0.15 -3.83 43.74
CA VAL D 42 0.23 -2.54 44.30
C VAL D 42 0.86 -2.76 45.64
N ARG D 43 1.80 -1.88 45.99
CA ARG D 43 2.44 -1.98 47.28
C ARG D 43 2.60 -0.64 47.95
N GLN D 44 2.61 -0.68 49.27
CA GLN D 44 2.88 0.50 50.07
C GLN D 44 3.73 0.13 51.28
N ALA D 45 4.91 0.74 51.36
CA ALA D 45 5.69 0.79 52.58
C ALA D 45 5.05 1.87 53.49
N PRO D 46 5.23 1.76 54.82
CA PRO D 46 4.40 2.53 55.75
C PRO D 46 4.62 4.05 55.71
N GLY D 47 5.81 4.48 55.32
CA GLY D 47 6.09 5.90 55.24
C GLY D 47 5.82 6.47 53.85
N LYS D 48 5.96 5.63 52.84
CA LYS D 48 5.95 6.06 51.44
C LYS D 48 4.54 6.04 50.81
N GLY D 49 4.47 6.27 49.50
CA GLY D 49 3.20 6.32 48.79
C GLY D 49 3.00 5.08 47.95
N LEU D 50 1.83 4.97 47.33
CA LEU D 50 1.49 3.80 46.53
C LEU D 50 2.36 3.64 45.28
N GLU D 51 2.80 2.41 45.03
CA GLU D 51 3.59 2.09 43.84
C GLU D 51 3.08 0.81 43.15
N VAL D 52 2.60 0.95 41.92
CA VAL D 52 2.26 -0.22 41.11
C VAL D 52 3.57 -0.91 40.72
N VAL D 53 3.62 -2.23 40.82
CA VAL D 53 4.84 -2.95 40.50
C VAL D 53 4.66 -3.84 39.29
N SER D 54 3.43 -4.22 39.01
CA SER D 54 3.16 -5.07 37.87
C SER D 54 1.69 -4.99 37.46
N ASP D 55 1.48 -5.12 36.15
CA ASP D 55 0.17 -5.05 35.52
C ASP D 55 -0.06 -6.32 34.75
N ILE D 56 -1.32 -6.58 34.41
CA ILE D 56 -1.61 -7.65 33.47
C ILE D 56 -2.99 -7.42 32.89
N GLY D 57 -3.20 -7.88 31.67
CA GLY D 57 -4.48 -7.74 31.01
C GLY D 57 -5.38 -8.95 31.21
N SER D 58 -6.66 -8.76 30.93
CA SER D 58 -7.69 -9.80 31.03
C SER D 58 -7.21 -11.21 30.69
N GLY D 59 -6.50 -11.33 29.56
CA GLY D 59 -6.08 -12.63 29.05
C GLY D 59 -4.65 -13.00 29.40
N GLY D 60 -4.03 -12.25 30.30
CA GLY D 60 -2.69 -12.54 30.72
C GLY D 60 -1.60 -11.95 29.82
N ASP D 61 -2.03 -11.25 28.77
CA ASP D 61 -1.14 -10.46 27.94
C ASP D 61 -1.06 -9.02 28.43
N ARG D 62 -0.42 -8.16 27.65
CA ARG D 62 -0.22 -6.74 27.99
C ARG D 62 0.23 -6.53 29.43
N ILE D 63 1.29 -7.26 29.79
CA ILE D 63 1.98 -7.17 31.09
C ILE D 63 2.99 -6.04 31.12
N THR D 64 3.17 -5.42 32.29
CA THR D 64 4.24 -4.45 32.48
C THR D 64 4.79 -4.57 33.91
N TYR D 65 5.99 -4.01 34.14
CA TYR D 65 6.62 -4.00 35.45
C TYR D 65 7.28 -2.66 35.74
N ALA D 66 7.35 -2.29 37.01
CA ALA D 66 8.19 -1.17 37.42
C ALA D 66 9.66 -1.57 37.32
N ASP D 67 10.51 -0.63 36.87
CA ASP D 67 11.95 -0.88 36.74
C ASP D 67 12.56 -1.46 38.02
N SER D 68 12.02 -1.02 39.16
CA SER D 68 12.43 -1.52 40.48
C SER D 68 12.46 -3.04 40.51
N VAL D 69 11.42 -3.65 39.96
CA VAL D 69 11.23 -5.10 40.08
C VAL D 69 11.44 -5.86 38.76
N LYS D 70 11.69 -5.14 37.67
CA LYS D 70 11.93 -5.76 36.38
C LYS D 70 13.04 -6.79 36.46
N GLY D 71 12.76 -8.01 36.05
CA GLY D 71 13.74 -9.08 36.10
C GLY D 71 13.66 -9.93 37.34
N ARG D 72 12.95 -9.44 38.36
CA ARG D 72 12.82 -10.14 39.64
C ARG D 72 11.43 -10.67 39.91
N PHE D 73 10.41 -9.91 39.48
CA PHE D 73 9.03 -10.32 39.66
C PHE D 73 8.39 -10.79 38.36
N THR D 74 7.40 -11.66 38.50
CA THR D 74 6.62 -12.20 37.39
C THR D 74 5.16 -12.21 37.79
N ILE D 75 4.30 -11.70 36.90
CA ILE D 75 2.86 -11.62 37.16
C ILE D 75 2.12 -12.58 36.23
N SER D 76 1.03 -13.15 36.73
CA SER D 76 0.27 -14.13 35.96
C SER D 76 -1.12 -14.29 36.55
N ARG D 77 -1.96 -15.09 35.91
CA ARG D 77 -3.32 -15.29 36.40
C ARG D 77 -3.93 -16.58 35.87
N ASP D 78 -4.88 -17.13 36.60
CA ASP D 78 -5.70 -18.23 36.12
C ASP D 78 -7.12 -17.74 36.16
N ASN D 79 -7.66 -17.44 34.98
CA ASN D 79 -9.00 -16.92 34.89
C ASN D 79 -10.06 -17.95 35.33
N ALA D 80 -9.72 -19.22 35.22
CA ALA D 80 -10.65 -20.28 35.55
C ALA D 80 -10.86 -20.39 37.07
N LYS D 81 -9.83 -20.06 37.84
CA LYS D 81 -9.89 -20.12 39.31
C LYS D 81 -9.92 -18.72 39.93
N ASN D 82 -10.16 -17.70 39.10
CA ASN D 82 -10.27 -16.32 39.56
C ASN D 82 -9.12 -15.88 40.46
N THR D 83 -7.90 -16.23 40.04
CA THR D 83 -6.71 -16.04 40.87
C THR D 83 -5.61 -15.29 40.14
N LEU D 84 -5.05 -14.29 40.82
CA LEU D 84 -3.91 -13.53 40.36
C LEU D 84 -2.67 -13.92 41.17
N TYR D 85 -1.56 -14.20 40.49
CA TYR D 85 -0.31 -14.58 41.16
C TYR D 85 0.78 -13.53 41.05
N LEU D 86 1.77 -13.61 41.94
CA LEU D 86 2.98 -12.80 41.80
C LEU D 86 4.22 -13.56 42.30
N GLN D 87 5.05 -14.04 41.37
CA GLN D 87 6.34 -14.60 41.75
C GLN D 87 7.26 -13.46 42.10
N MET D 88 7.88 -13.54 43.27
CA MET D 88 8.89 -12.58 43.65
C MET D 88 10.19 -13.30 43.93
N ASN D 89 11.23 -12.95 43.16
CA ASN D 89 12.56 -13.55 43.30
C ASN D 89 13.62 -12.50 43.58
N SER D 90 14.76 -12.93 44.11
CA SER D 90 15.89 -12.02 44.42
C SER D 90 15.40 -10.85 45.28
N LEU D 91 14.69 -11.16 46.35
CA LEU D 91 14.05 -10.16 47.19
C LEU D 91 15.02 -9.29 47.99
N LYS D 92 14.67 -8.01 48.09
CA LYS D 92 15.50 -7.00 48.75
C LYS D 92 14.74 -6.33 49.89
N PRO D 93 15.46 -5.78 50.89
CA PRO D 93 14.83 -5.07 52.00
C PRO D 93 13.86 -3.99 51.53
N GLU D 94 14.19 -3.35 50.41
CA GLU D 94 13.39 -2.24 49.90
C GLU D 94 12.07 -2.75 49.31
N ASP D 95 11.97 -4.05 49.06
CA ASP D 95 10.70 -4.65 48.64
C ASP D 95 9.78 -4.87 49.83
N THR D 96 10.17 -4.40 51.01
CA THR D 96 9.33 -4.60 52.19
C THR D 96 8.16 -3.66 52.08
N ALA D 97 6.95 -4.20 52.08
CA ALA D 97 5.72 -3.39 52.07
C ALA D 97 4.47 -4.24 52.26
N VAL D 98 3.30 -3.59 52.28
CA VAL D 98 2.02 -4.29 52.13
C VAL D 98 1.77 -4.51 50.64
N TYR D 99 1.36 -5.72 50.25
CA TYR D 99 1.11 -6.02 48.84
C TYR D 99 -0.38 -6.22 48.60
N TYR D 100 -0.96 -5.30 47.83
CA TYR D 100 -2.37 -5.34 47.45
C TYR D 100 -2.54 -5.82 46.00
N CYS D 101 -3.65 -6.50 45.74
CA CYS D 101 -4.05 -6.83 44.38
C CYS D 101 -5.24 -5.90 44.06
N ALA D 102 -5.31 -5.31 42.87
CA ALA D 102 -6.34 -4.29 42.63
C ALA D 102 -6.55 -3.92 41.17
N ASN D 103 -7.67 -3.22 40.94
CA ASN D 103 -7.92 -2.44 39.72
C ASN D 103 -8.68 -1.18 40.12
N GLN D 104 -9.21 -0.42 39.18
CA GLN D 104 -9.83 0.86 39.54
C GLN D 104 -11.07 0.70 40.41
N TYR D 105 -11.59 -0.51 40.49
CA TYR D 105 -12.88 -0.79 41.14
C TYR D 105 -12.70 -1.20 42.60
N GLY D 106 -11.50 -1.59 42.98
CA GLY D 106 -11.22 -1.94 44.36
C GLY D 106 -9.90 -2.63 44.63
N ARG D 107 -9.65 -2.89 45.90
CA ARG D 107 -8.46 -3.62 46.32
C ARG D 107 -8.75 -4.49 47.55
N GLY D 108 -7.83 -5.39 47.86
CA GLY D 108 -7.97 -6.27 48.99
C GLY D 108 -7.30 -5.67 50.21
N PRO D 109 -7.38 -6.37 51.37
CA PRO D 109 -6.76 -6.02 52.66
C PRO D 109 -5.25 -5.90 52.61
N GLY D 110 -4.61 -6.79 51.86
CA GLY D 110 -3.17 -6.77 51.67
C GLY D 110 -2.54 -8.05 52.20
N THR D 111 -1.23 -8.13 52.07
CA THR D 111 -0.46 -9.22 52.63
C THR D 111 0.93 -8.64 52.86
N GLN D 112 1.41 -8.69 54.09
CA GLN D 112 2.69 -8.05 54.44
C GLN D 112 3.89 -8.84 53.91
N VAL D 113 4.83 -8.14 53.29
CA VAL D 113 6.08 -8.73 52.87
C VAL D 113 7.21 -7.94 53.52
N THR D 114 7.96 -8.60 54.39
CA THR D 114 9.15 -7.99 54.98
C THR D 114 10.36 -8.80 54.50
N VAL D 115 11.38 -8.08 54.07
CA VAL D 115 12.69 -8.65 53.78
C VAL D 115 13.67 -8.05 54.77
N SER D 116 14.14 -8.86 55.72
CA SER D 116 14.99 -8.37 56.80
C SER D 116 16.33 -7.88 56.28
N SER D 117 17.05 -7.15 57.12
CA SER D 117 18.32 -6.54 56.73
C SER D 117 19.41 -6.85 57.76
N UNK E 1 29.55 -8.24 -83.53
CA UNK E 1 28.92 -8.85 -82.36
C UNK E 1 29.39 -8.17 -81.07
N UNK E 2 29.20 -6.84 -81.00
CA UNK E 2 29.46 -6.10 -79.77
C UNK E 2 28.18 -6.03 -78.93
N UNK E 3 27.32 -7.03 -79.12
CA UNK E 3 26.11 -7.16 -78.33
C UNK E 3 26.46 -7.81 -76.98
N UNK E 4 27.56 -8.56 -76.97
CA UNK E 4 28.06 -9.15 -75.73
C UNK E 4 28.44 -8.05 -74.74
N UNK E 5 28.55 -6.82 -75.22
CA UNK E 5 28.73 -5.65 -74.36
C UNK E 5 27.40 -5.29 -73.70
N UNK E 6 26.30 -5.58 -74.38
CA UNK E 6 24.97 -5.36 -73.81
C UNK E 6 24.56 -6.52 -72.90
N UNK E 7 25.02 -7.72 -73.23
CA UNK E 7 24.76 -8.91 -72.43
C UNK E 7 25.58 -8.88 -71.14
N UNK E 8 26.41 -7.85 -71.00
CA UNK E 8 27.27 -7.70 -69.83
C UNK E 8 26.76 -6.57 -68.93
N UNK E 9 26.37 -5.45 -69.54
CA UNK E 9 25.88 -4.30 -68.77
C UNK E 9 24.55 -4.61 -68.08
N UNK E 10 23.79 -5.54 -68.64
CA UNK E 10 22.53 -5.97 -68.03
C UNK E 10 22.82 -6.94 -66.88
N UNK E 11 23.67 -7.93 -67.15
CA UNK E 11 24.04 -8.93 -66.15
C UNK E 11 24.82 -8.29 -65.00
N UNK E 12 25.61 -7.27 -65.33
CA UNK E 12 26.39 -6.54 -64.33
C UNK E 12 25.46 -5.77 -63.42
N UNK E 13 24.44 -5.16 -64.02
CA UNK E 13 23.43 -4.43 -63.27
C UNK E 13 22.49 -5.42 -62.55
N UNK E 14 23.08 -6.43 -61.90
CA UNK E 14 22.32 -7.51 -61.28
C UNK E 14 23.26 -8.42 -60.46
#